data_8OOM
#
_entry.id   8OOM
#
_cell.length_a   72.874
_cell.length_b   96.184
_cell.length_c   86.754
_cell.angle_alpha   90.000
_cell.angle_beta   90.000
_cell.angle_gamma   90.000
#
_symmetry.space_group_name_H-M   'C 2 2 21'
#
loop_
_entity.id
_entity.type
_entity.pdbx_description
1 polymer GdmF
2 non-polymer (2R)-2,4-dihydroxy-3,3-dimethyl-N-{3-oxo-3-[(2-sulfanylethyl)amino]propyl}butanamide
3 non-polymer 'ACETATE ION'
4 water water
#
_entity_poly.entity_id   1
_entity_poly.type   'polypeptide(L)'
_entity_poly.pdbx_seq_one_letter_code
;HHHHHHMFDVAKYLRRIGVEGTPPPTLDTLRHLHKRHLMAVPYDNSTAPDRLPASRHLTNVPLDLVFGHVVTEGHGGVCY
ELNRLFHTLLAELGYDVRMVAAAVRQANGTFGPEREHTFDLVHLDGRTHLVDVGFPGPSYSEPLYLSEEEQHQYGCSYRV
TEHDGYRVVERRPKGSDWQPVYRFRPELADPSGWDAVRLDSLDDYAQDSVLAGTTFRSRATDNGKIVLIGRRYFTVEDGV
ERTKVLVKADEFQDVVDLILAGA
;
_entity_poly.pdbx_strand_id   A
#
loop_
_chem_comp.id
_chem_comp.type
_chem_comp.name
_chem_comp.formula
ACT non-polymer 'ACETATE ION' 'C2 H3 O2 -1'
PNY non-polymer (2R)-2,4-dihydroxy-3,3-dimethyl-N-{3-oxo-3-[(2-sulfanylethyl)amino]propyl}butanamide 'C11 H22 N2 O4 S'
#
# COMPACT_ATOMS: atom_id res chain seq x y z
N HIS A 6 -17.06 -12.80 -6.48
CA HIS A 6 -16.44 -14.09 -6.83
C HIS A 6 -15.48 -14.64 -5.72
N MET A 7 -15.16 -15.92 -5.76
CA MET A 7 -14.27 -16.53 -4.79
C MET A 7 -12.81 -16.24 -5.09
N PHE A 8 -11.96 -16.14 -4.06
CA PHE A 8 -10.56 -15.80 -4.23
C PHE A 8 -9.91 -16.77 -5.20
N ASP A 9 -9.23 -16.24 -6.21
CA ASP A 9 -8.57 -17.08 -7.21
C ASP A 9 -7.28 -16.41 -7.63
N VAL A 10 -6.16 -17.11 -7.46
CA VAL A 10 -4.84 -16.55 -7.72
C VAL A 10 -4.69 -16.19 -9.18
N ALA A 11 -5.16 -17.06 -10.05
CA ALA A 11 -4.93 -16.77 -11.47
C ALA A 11 -5.68 -15.52 -11.91
N LYS A 12 -6.90 -15.37 -11.45
CA LYS A 12 -7.71 -14.22 -11.76
C LYS A 12 -7.06 -12.92 -11.23
N TYR A 13 -6.53 -13.03 -10.04
CA TYR A 13 -5.83 -11.89 -9.41
C TYR A 13 -4.60 -11.45 -10.21
N LEU A 14 -3.74 -12.40 -10.58
CA LEU A 14 -2.57 -12.08 -11.37
C LEU A 14 -2.97 -11.42 -12.67
N ARG A 15 -4.01 -11.95 -13.31
CA ARG A 15 -4.53 -11.32 -14.54
C ARG A 15 -4.98 -9.87 -14.27
N ARG A 16 -5.67 -9.64 -13.17
N ARG A 16 -5.67 -9.63 -13.17
CA ARG A 16 -6.12 -8.29 -12.79
CA ARG A 16 -6.10 -8.28 -12.84
C ARG A 16 -4.96 -7.30 -12.68
C ARG A 16 -4.93 -7.31 -12.75
N ILE A 17 -3.78 -7.75 -12.22
CA ILE A 17 -2.67 -6.84 -12.01
C ILE A 17 -1.64 -6.91 -13.14
N GLY A 18 -1.96 -7.60 -14.22
CA GLY A 18 -1.12 -7.56 -15.39
C GLY A 18 0.12 -8.41 -15.29
N VAL A 19 0.09 -9.49 -14.53
CA VAL A 19 1.21 -10.44 -14.42
C VAL A 19 0.86 -11.71 -15.18
N GLU A 20 1.76 -12.18 -16.00
CA GLU A 20 1.51 -13.36 -16.80
C GLU A 20 2.07 -14.61 -16.12
N GLY A 21 1.31 -15.71 -16.19
CA GLY A 21 1.79 -16.98 -15.62
C GLY A 21 1.89 -16.92 -14.11
N THR A 22 2.72 -17.81 -13.55
CA THR A 22 2.89 -17.94 -12.11
C THR A 22 4.38 -17.86 -11.82
N PRO A 23 4.94 -16.66 -11.78
CA PRO A 23 6.38 -16.52 -11.64
C PRO A 23 6.84 -17.11 -10.32
N PRO A 24 8.11 -17.51 -10.27
CA PRO A 24 8.60 -18.32 -9.15
C PRO A 24 8.77 -17.47 -7.90
N PRO A 25 8.87 -18.07 -6.74
CA PRO A 25 8.85 -17.35 -5.43
C PRO A 25 10.21 -16.76 -5.04
N THR A 26 10.65 -15.78 -5.80
CA THR A 26 11.95 -15.12 -5.64
C THR A 26 11.80 -13.63 -5.32
N LEU A 27 12.93 -12.95 -5.02
CA LEU A 27 12.86 -11.52 -4.72
C LEU A 27 12.50 -10.73 -5.97
N ASP A 28 13.02 -11.15 -7.14
CA ASP A 28 12.68 -10.44 -8.38
C ASP A 28 11.17 -10.49 -8.68
N THR A 29 10.54 -11.65 -8.47
CA THR A 29 9.09 -11.77 -8.61
C THR A 29 8.36 -10.91 -7.58
N LEU A 30 8.80 -10.91 -6.33
CA LEU A 30 8.12 -10.10 -5.31
C LEU A 30 8.15 -8.62 -5.67
N ARG A 31 9.31 -8.13 -6.14
CA ARG A 31 9.43 -6.74 -6.61
C ARG A 31 8.45 -6.45 -7.74
N HIS A 32 8.36 -7.34 -8.70
CA HIS A 32 7.43 -7.13 -9.83
C HIS A 32 5.98 -7.15 -9.37
N LEU A 33 5.58 -8.14 -8.56
CA LEU A 33 4.20 -8.20 -8.10
C LEU A 33 3.80 -6.92 -7.36
N HIS A 34 4.69 -6.45 -6.49
CA HIS A 34 4.40 -5.30 -5.63
C HIS A 34 4.15 -4.07 -6.50
N LYS A 35 5.05 -3.84 -7.45
CA LYS A 35 4.93 -2.69 -8.32
C LYS A 35 3.71 -2.79 -9.25
N ARG A 36 3.49 -3.95 -9.87
CA ARG A 36 2.28 -4.12 -10.69
C ARG A 36 1.00 -3.93 -9.89
N HIS A 37 0.96 -4.43 -8.67
CA HIS A 37 -0.24 -4.24 -7.88
C HIS A 37 -0.52 -2.76 -7.63
N LEU A 38 0.51 -1.97 -7.25
CA LEU A 38 0.35 -0.53 -7.01
C LEU A 38 -0.01 0.23 -8.27
N MET A 39 0.42 -0.25 -9.44
CA MET A 39 0.05 0.42 -10.68
C MET A 39 -1.37 0.08 -11.14
N ALA A 40 -1.85 -1.12 -10.82
CA ALA A 40 -3.10 -1.65 -11.37
C ALA A 40 -4.29 -1.44 -10.46
N VAL A 41 -4.07 -1.43 -9.14
CA VAL A 41 -5.10 -1.44 -8.15
C VAL A 41 -4.99 -0.16 -7.31
N PRO A 42 -5.87 0.78 -7.54
CA PRO A 42 -5.77 2.08 -6.84
C PRO A 42 -6.23 2.01 -5.42
N TYR A 43 -5.61 2.88 -4.60
CA TYR A 43 -6.16 3.23 -3.31
C TYR A 43 -7.40 4.10 -3.56
N ASP A 44 -8.48 3.80 -2.82
CA ASP A 44 -9.72 4.58 -2.92
C ASP A 44 -10.53 4.32 -1.66
N ASN A 45 -10.78 5.34 -0.84
CA ASN A 45 -11.60 5.14 0.34
C ASN A 45 -13.05 5.57 0.12
N SER A 46 -13.44 5.86 -1.10
CA SER A 46 -14.74 6.48 -1.39
CA SER A 46 -14.74 6.51 -1.33
C SER A 46 -15.91 5.68 -0.81
N THR A 47 -15.86 4.34 -0.92
CA THR A 47 -16.96 3.49 -0.44
C THR A 47 -16.54 2.56 0.68
N ALA A 48 -15.38 2.81 1.27
CA ALA A 48 -14.93 1.98 2.37
C ALA A 48 -15.95 1.81 3.49
N PRO A 49 -16.70 2.83 3.88
CA PRO A 49 -17.66 2.64 4.99
C PRO A 49 -18.77 1.66 4.64
N ASP A 50 -19.11 1.54 3.36
CA ASP A 50 -20.13 0.59 2.91
C ASP A 50 -19.72 -0.86 3.18
N ARG A 51 -18.44 -1.12 3.34
CA ARG A 51 -17.95 -2.48 3.58
C ARG A 51 -17.55 -2.68 5.01
N LEU A 52 -17.90 -1.77 5.89
CA LEU A 52 -17.57 -1.95 7.29
C LEU A 52 -18.57 -2.91 7.94
N PRO A 53 -18.08 -3.77 8.82
CA PRO A 53 -19.03 -4.65 9.49
C PRO A 53 -19.54 -3.99 10.75
N ALA A 54 -20.74 -4.36 11.16
CA ALA A 54 -21.31 -3.81 12.37
C ALA A 54 -20.44 -4.11 13.60
N SER A 55 -19.82 -5.26 13.63
CA SER A 55 -19.05 -5.66 14.78
C SER A 55 -17.65 -5.15 14.97
N ARG A 56 -17.11 -4.42 14.00
CA ARG A 56 -15.72 -3.91 14.00
C ARG A 56 -14.61 -5.00 14.03
N HIS A 57 -14.93 -6.23 13.65
CA HIS A 57 -13.98 -7.28 13.61
C HIS A 57 -13.77 -7.49 12.12
N LEU A 58 -12.56 -7.36 11.63
CA LEU A 58 -12.30 -7.58 10.21
C LEU A 58 -12.70 -8.99 9.75
N THR A 59 -12.63 -9.97 10.64
CA THR A 59 -13.03 -11.34 10.30
C THR A 59 -14.47 -11.42 9.81
N ASN A 60 -15.34 -10.52 10.25
CA ASN A 60 -16.72 -10.60 9.80
C ASN A 60 -16.94 -10.01 8.42
N VAL A 61 -15.85 -9.63 7.74
CA VAL A 61 -15.90 -9.12 6.36
C VAL A 61 -15.31 -10.24 5.53
N PRO A 62 -16.19 -11.01 4.81
CA PRO A 62 -15.66 -12.15 4.07
C PRO A 62 -14.59 -11.74 3.06
N LEU A 63 -13.50 -12.48 2.98
CA LEU A 63 -12.45 -12.14 2.02
C LEU A 63 -13.01 -12.10 0.60
N ASP A 64 -13.93 -13.02 0.29
CA ASP A 64 -14.55 -13.04 -1.03
C ASP A 64 -15.33 -11.74 -1.36
N LEU A 65 -15.91 -11.08 -0.37
CA LEU A 65 -16.57 -9.81 -0.68
C LEU A 65 -15.55 -8.77 -1.15
N VAL A 66 -14.40 -8.73 -0.48
CA VAL A 66 -13.33 -7.80 -0.81
C VAL A 66 -12.79 -8.14 -2.19
N PHE A 67 -12.51 -9.42 -2.40
CA PHE A 67 -11.99 -9.91 -3.68
C PHE A 67 -12.93 -9.52 -4.80
N GLY A 68 -14.24 -9.71 -4.57
CA GLY A 68 -15.19 -9.33 -5.61
C GLY A 68 -15.13 -7.86 -5.96
N HIS A 69 -15.03 -7.00 -4.95
CA HIS A 69 -15.03 -5.58 -5.20
C HIS A 69 -13.76 -5.13 -5.92
N VAL A 70 -12.59 -5.60 -5.48
CA VAL A 70 -11.32 -5.12 -5.99
C VAL A 70 -10.87 -5.85 -7.25
N VAL A 71 -10.87 -7.18 -7.23
CA VAL A 71 -10.33 -7.95 -8.35
C VAL A 71 -11.41 -8.19 -9.41
N THR A 72 -12.56 -8.76 -9.01
CA THR A 72 -13.59 -9.10 -10.02
C THR A 72 -14.16 -7.83 -10.65
N GLU A 73 -14.59 -6.88 -9.83
CA GLU A 73 -15.20 -5.66 -10.35
C GLU A 73 -14.20 -4.54 -10.64
N GLY A 74 -12.94 -4.66 -10.22
CA GLY A 74 -11.92 -3.72 -10.67
C GLY A 74 -11.90 -2.37 -9.95
N HIS A 75 -12.41 -2.29 -8.74
CA HIS A 75 -12.40 -1.04 -8.00
C HIS A 75 -11.14 -0.99 -7.11
N GLY A 76 -10.91 0.15 -6.45
CA GLY A 76 -9.85 0.23 -5.45
C GLY A 76 -10.34 -0.06 -4.05
N GLY A 77 -9.45 0.13 -3.08
CA GLY A 77 -9.82 -0.13 -1.70
C GLY A 77 -8.83 0.56 -0.75
N VAL A 78 -8.93 0.20 0.55
CA VAL A 78 -8.10 0.86 1.55
C VAL A 78 -7.11 -0.13 2.13
N CYS A 79 -6.34 0.29 3.14
CA CYS A 79 -5.17 -0.49 3.52
C CYS A 79 -5.54 -1.90 3.98
N TYR A 80 -6.58 -2.05 4.76
CA TYR A 80 -6.95 -3.36 5.30
C TYR A 80 -7.80 -4.18 4.30
N GLU A 81 -7.95 -3.69 3.08
CA GLU A 81 -8.49 -4.43 1.97
C GLU A 81 -7.35 -4.84 1.02
N LEU A 82 -6.59 -3.88 0.50
CA LEU A 82 -5.55 -4.17 -0.49
C LEU A 82 -4.44 -5.02 0.11
N ASN A 83 -3.99 -4.70 1.33
CA ASN A 83 -2.89 -5.49 1.86
C ASN A 83 -3.34 -6.86 2.40
N ARG A 84 -4.64 -6.97 2.73
CA ARG A 84 -5.24 -8.23 3.14
C ARG A 84 -5.31 -9.18 1.96
N LEU A 85 -5.77 -8.66 0.82
CA LEU A 85 -5.81 -9.50 -0.38
C LEU A 85 -4.38 -9.90 -0.81
N PHE A 86 -3.45 -8.93 -0.81
CA PHE A 86 -2.09 -9.18 -1.27
C PHE A 86 -1.39 -10.20 -0.38
N HIS A 87 -1.58 -10.10 0.94
CA HIS A 87 -1.07 -11.10 1.85
C HIS A 87 -1.52 -12.52 1.43
N THR A 88 -2.81 -12.69 1.13
CA THR A 88 -3.34 -13.98 0.70
C THR A 88 -2.74 -14.41 -0.63
N LEU A 89 -2.61 -13.50 -1.58
CA LEU A 89 -1.95 -13.85 -2.84
C LEU A 89 -0.49 -14.31 -2.63
N LEU A 90 0.27 -13.54 -1.87
CA LEU A 90 1.65 -13.93 -1.61
C LEU A 90 1.76 -15.27 -0.88
N ALA A 91 0.85 -15.51 0.07
CA ALA A 91 0.92 -16.78 0.79
C ALA A 91 0.64 -17.94 -0.18
N GLU A 92 -0.29 -17.75 -1.08
CA GLU A 92 -0.60 -18.81 -2.04
C GLU A 92 0.52 -18.98 -3.04
N LEU A 93 1.31 -17.95 -3.28
CA LEU A 93 2.44 -18.03 -4.19
C LEU A 93 3.71 -18.56 -3.53
N GLY A 94 3.63 -18.95 -2.25
CA GLY A 94 4.75 -19.57 -1.59
C GLY A 94 5.56 -18.72 -0.63
N TYR A 95 5.20 -17.45 -0.43
CA TYR A 95 6.04 -16.60 0.43
C TYR A 95 5.66 -16.73 1.90
N ASP A 96 6.64 -16.46 2.78
CA ASP A 96 6.40 -16.39 4.23
C ASP A 96 6.01 -14.94 4.59
N VAL A 97 4.70 -14.68 4.63
CA VAL A 97 4.20 -13.32 4.80
CA VAL A 97 4.17 -13.32 4.79
C VAL A 97 3.61 -13.17 6.21
N ARG A 98 3.88 -12.01 6.83
CA ARG A 98 3.50 -11.70 8.22
C ARG A 98 2.83 -10.33 8.25
N MET A 99 1.69 -10.22 8.90
CA MET A 99 0.94 -9.00 8.95
C MET A 99 1.39 -8.09 10.09
N VAL A 100 1.48 -6.79 9.87
CA VAL A 100 1.87 -5.86 10.90
C VAL A 100 1.04 -4.58 10.79
N ALA A 101 0.81 -3.93 11.93
CA ALA A 101 0.06 -2.70 11.97
C ALA A 101 1.02 -1.54 12.23
N ALA A 102 0.60 -0.33 11.89
CA ALA A 102 1.45 0.82 12.08
C ALA A 102 0.67 2.12 12.35
N ALA A 103 1.39 3.08 12.93
CA ALA A 103 0.89 4.41 13.23
C ALA A 103 1.44 5.32 12.14
N VAL A 104 0.62 6.19 11.62
CA VAL A 104 0.97 7.02 10.45
C VAL A 104 1.41 8.41 10.87
N ARG A 105 2.45 8.97 10.25
CA ARG A 105 2.90 10.33 10.48
C ARG A 105 1.79 11.22 9.89
N GLN A 106 1.20 12.08 10.69
CA GLN A 106 0.09 12.91 10.24
C GLN A 106 0.51 14.14 9.41
N ALA A 107 -0.47 14.84 8.85
CA ALA A 107 -0.23 16.08 8.12
C ALA A 107 0.34 17.20 9.04
N ASN A 108 0.12 17.06 10.34
CA ASN A 108 0.63 17.94 11.36
C ASN A 108 1.99 17.56 11.92
N GLY A 109 2.60 16.51 11.39
CA GLY A 109 3.93 16.08 11.80
C GLY A 109 4.05 15.05 12.91
N THR A 110 2.97 14.71 13.61
CA THR A 110 3.01 13.71 14.70
C THR A 110 2.49 12.34 14.23
N PHE A 111 2.56 11.31 15.07
CA PHE A 111 2.06 9.97 14.72
C PHE A 111 0.66 9.74 15.27
N GLY A 112 -0.21 9.09 14.51
CA GLY A 112 -1.56 8.86 14.92
C GLY A 112 -1.77 7.62 15.77
N PRO A 113 -3.00 7.10 15.83
CA PRO A 113 -3.24 5.88 16.60
C PRO A 113 -2.35 4.71 16.17
N GLU A 114 -1.95 3.87 17.12
CA GLU A 114 -1.05 2.74 16.88
C GLU A 114 -1.43 1.72 15.80
N ARG A 115 -2.71 1.50 15.55
CA ARG A 115 -3.08 0.49 14.56
C ARG A 115 -3.88 1.06 13.40
N GLU A 116 -3.58 2.28 13.02
CA GLU A 116 -4.31 2.89 11.92
C GLU A 116 -4.04 2.19 10.61
N HIS A 117 -2.80 1.84 10.35
CA HIS A 117 -2.40 1.31 9.05
C HIS A 117 -2.01 -0.16 9.20
N THR A 118 -2.27 -0.95 8.14
CA THR A 118 -2.02 -2.40 8.17
C THR A 118 -1.27 -2.77 6.90
N PHE A 119 -0.15 -3.49 7.02
CA PHE A 119 0.65 -3.89 5.85
C PHE A 119 1.33 -5.23 6.21
N ASP A 120 2.32 -5.61 5.42
CA ASP A 120 2.92 -6.93 5.60
C ASP A 120 4.43 -6.90 5.52
N LEU A 121 5.07 -7.94 6.07
CA LEU A 121 6.48 -8.22 5.91
C LEU A 121 6.65 -9.60 5.26
N VAL A 122 7.68 -9.78 4.42
CA VAL A 122 8.01 -11.07 3.83
C VAL A 122 9.43 -11.44 4.23
N HIS A 123 9.59 -12.64 4.77
CA HIS A 123 10.92 -13.15 5.10
C HIS A 123 11.30 -14.16 4.02
N LEU A 124 12.43 -13.90 3.35
CA LEU A 124 12.81 -14.62 2.13
C LEU A 124 14.32 -14.76 2.11
N ASP A 125 14.82 -16.01 2.09
CA ASP A 125 16.23 -16.27 1.91
C ASP A 125 17.04 -15.51 2.96
N GLY A 126 16.52 -15.47 4.17
CA GLY A 126 17.25 -14.87 5.26
C GLY A 126 17.20 -13.35 5.37
N ARG A 127 16.40 -12.65 4.57
CA ARG A 127 16.21 -11.21 4.70
C ARG A 127 14.73 -10.87 4.80
N THR A 128 14.41 -9.75 5.46
CA THR A 128 13.03 -9.33 5.66
C THR A 128 12.78 -8.10 4.82
N HIS A 129 11.65 -8.10 4.10
CA HIS A 129 11.22 -7.05 3.22
C HIS A 129 9.87 -6.54 3.69
N LEU A 130 9.71 -5.22 3.62
CA LEU A 130 8.43 -4.58 3.81
C LEU A 130 7.60 -4.58 2.53
N VAL A 131 6.34 -4.92 2.68
N VAL A 131 6.36 -5.01 2.62
CA VAL A 131 5.40 -5.05 1.56
CA VAL A 131 5.49 -4.96 1.45
C VAL A 131 4.18 -4.20 1.89
C VAL A 131 4.21 -4.24 1.82
N ASP A 132 3.84 -3.26 1.00
CA ASP A 132 2.71 -2.35 1.27
C ASP A 132 2.16 -1.87 -0.06
N VAL A 133 1.03 -2.42 -0.46
CA VAL A 133 0.38 -1.98 -1.65
C VAL A 133 -0.89 -1.20 -1.32
N GLY A 134 -0.98 -0.74 -0.07
CA GLY A 134 -2.24 -0.21 0.41
C GLY A 134 -2.08 1.06 1.23
N PHE A 135 -1.18 1.96 0.84
CA PHE A 135 -0.92 3.22 1.56
C PHE A 135 -1.24 4.34 0.59
N PRO A 136 -2.05 5.32 0.99
CA PRO A 136 -2.50 6.29 -0.01
C PRO A 136 -1.44 7.29 -0.42
N GLY A 137 -0.61 7.75 0.51
CA GLY A 137 0.33 8.81 0.18
C GLY A 137 1.61 8.33 -0.49
N PRO A 138 2.53 9.28 -0.66
CA PRO A 138 3.82 8.99 -1.31
C PRO A 138 4.60 7.99 -0.50
N SER A 139 4.93 6.87 -1.14
CA SER A 139 5.66 5.83 -0.42
C SER A 139 6.30 4.92 -1.48
N TYR A 140 6.90 3.82 -1.02
CA TYR A 140 7.72 2.95 -1.88
C TYR A 140 6.88 2.07 -2.82
N SER A 141 7.29 2.02 -4.09
N SER A 141 7.31 2.02 -4.09
CA SER A 141 6.58 1.19 -5.06
CA SER A 141 6.63 1.20 -5.10
C SER A 141 7.19 -0.21 -5.22
C SER A 141 7.18 -0.22 -5.20
N GLU A 142 8.37 -0.45 -4.65
CA GLU A 142 9.04 -1.74 -4.57
C GLU A 142 9.39 -2.05 -3.12
N PRO A 143 9.43 -3.33 -2.74
CA PRO A 143 9.64 -3.63 -1.32
C PRO A 143 10.93 -3.05 -0.79
N LEU A 144 10.92 -2.69 0.50
CA LEU A 144 12.09 -2.17 1.20
C LEU A 144 12.67 -3.28 2.06
N TYR A 145 14.00 -3.26 2.22
CA TYR A 145 14.67 -4.11 3.20
C TYR A 145 14.41 -3.53 4.58
N LEU A 146 14.28 -4.41 5.57
CA LEU A 146 14.08 -3.99 6.96
C LEU A 146 15.47 -3.64 7.50
N SER A 147 15.96 -2.45 7.12
CA SER A 147 17.32 -2.01 7.40
C SER A 147 17.39 -0.50 7.51
N GLU A 148 18.25 0.01 8.41
CA GLU A 148 18.49 1.45 8.45
C GLU A 148 19.36 1.92 7.29
N GLU A 149 19.94 1.01 6.53
CA GLU A 149 20.76 1.39 5.38
C GLU A 149 19.90 2.07 4.32
N GLU A 150 20.45 3.10 3.70
CA GLU A 150 19.69 3.88 2.74
C GLU A 150 19.44 3.04 1.51
N GLN A 151 18.24 3.14 0.95
CA GLN A 151 17.81 2.37 -0.20
C GLN A 151 17.18 3.35 -1.19
N HIS A 152 17.37 3.11 -2.48
CA HIS A 152 16.97 4.07 -3.51
C HIS A 152 16.08 3.45 -4.55
N GLN A 153 14.99 4.13 -4.88
CA GLN A 153 14.03 3.62 -5.87
C GLN A 153 13.54 4.82 -6.65
N TYR A 154 13.74 4.81 -7.98
CA TYR A 154 13.22 5.87 -8.86
C TYR A 154 13.52 7.28 -8.35
N GLY A 155 14.72 7.48 -7.84
CA GLY A 155 15.14 8.83 -7.46
C GLY A 155 14.73 9.24 -6.07
N CYS A 156 13.97 8.42 -5.35
N CYS A 156 14.05 8.39 -5.32
CA CYS A 156 13.63 8.69 -3.94
CA CYS A 156 13.64 8.70 -3.95
C CYS A 156 14.51 7.82 -3.06
C CYS A 156 14.35 7.76 -3.00
N SER A 157 14.79 8.29 -1.85
CA SER A 157 15.55 7.53 -0.88
C SER A 157 14.64 7.09 0.27
N TYR A 158 14.94 5.90 0.81
CA TYR A 158 14.16 5.32 1.91
C TYR A 158 15.13 4.73 2.92
N ARG A 159 14.67 4.63 4.17
CA ARG A 159 15.42 3.88 5.17
C ARG A 159 14.44 3.50 6.26
N VAL A 160 14.80 2.50 7.06
CA VAL A 160 13.92 2.02 8.13
C VAL A 160 14.75 2.11 9.40
N THR A 161 14.56 3.18 10.18
CA THR A 161 15.43 3.44 11.35
C THR A 161 14.75 2.89 12.58
N GLU A 162 15.48 2.85 13.69
CA GLU A 162 14.96 2.42 15.00
C GLU A 162 14.87 3.61 15.95
N HIS A 163 13.70 3.84 16.54
CA HIS A 163 13.47 4.91 17.51
C HIS A 163 12.43 4.47 18.54
N ASP A 164 12.84 4.36 19.80
CA ASP A 164 11.88 4.27 20.92
C ASP A 164 11.01 3.03 20.84
N GLY A 165 11.61 1.90 20.46
CA GLY A 165 10.92 0.65 20.35
C GLY A 165 10.22 0.44 19.02
N TYR A 166 10.40 1.35 18.08
CA TYR A 166 9.75 1.24 16.80
C TYR A 166 10.77 1.16 15.67
N ARG A 167 10.34 0.67 14.55
N ARG A 167 10.34 0.67 14.55
CA ARG A 167 11.01 0.87 13.27
CA ARG A 167 11.00 0.86 13.26
C ARG A 167 10.21 1.92 12.51
C ARG A 167 10.21 1.92 12.52
N VAL A 168 10.91 2.89 11.93
CA VAL A 168 10.28 4.04 11.30
C VAL A 168 10.64 4.03 9.82
N VAL A 169 9.62 3.96 8.93
CA VAL A 169 9.90 4.13 7.52
C VAL A 169 10.06 5.62 7.25
N GLU A 170 11.17 5.99 6.62
CA GLU A 170 11.44 7.39 6.31
C GLU A 170 11.74 7.48 4.81
N ARG A 171 11.32 8.60 4.21
CA ARG A 171 11.42 8.83 2.78
C ARG A 171 12.07 10.21 2.51
N ARG A 172 12.91 10.28 1.48
CA ARG A 172 13.53 11.51 1.12
C ARG A 172 13.52 11.65 -0.43
N PRO A 173 12.55 12.48 -0.96
CA PRO A 173 12.56 12.78 -2.39
C PRO A 173 13.63 13.83 -2.72
N LYS A 174 13.79 14.11 -3.99
CA LYS A 174 14.73 15.13 -4.39
C LYS A 174 14.38 16.49 -3.78
N GLY A 175 15.36 17.24 -3.37
CA GLY A 175 15.14 18.56 -2.81
C GLY A 175 14.34 18.65 -1.55
N SER A 176 14.46 17.65 -0.69
CA SER A 176 13.75 17.65 0.58
C SER A 176 14.54 16.90 1.62
N ASP A 177 14.19 17.08 2.89
CA ASP A 177 14.89 16.38 3.95
C ASP A 177 14.11 15.05 4.22
N TRP A 178 14.69 14.17 5.04
CA TRP A 178 14.02 12.94 5.47
C TRP A 178 12.73 13.24 6.22
N GLN A 179 11.68 12.47 5.93
CA GLN A 179 10.35 12.59 6.57
C GLN A 179 9.81 11.20 6.92
N PRO A 180 9.48 10.95 8.16
CA PRO A 180 8.78 9.71 8.49
C PRO A 180 7.47 9.54 7.71
N VAL A 181 7.19 8.29 7.35
CA VAL A 181 5.92 7.90 6.71
C VAL A 181 5.02 7.20 7.70
N TYR A 182 5.49 6.13 8.35
CA TYR A 182 4.79 5.49 9.43
C TYR A 182 5.80 4.69 10.27
N ARG A 183 5.33 4.23 11.42
CA ARG A 183 6.19 3.47 12.36
C ARG A 183 5.47 2.23 12.89
N PHE A 184 6.25 1.20 13.18
CA PHE A 184 5.66 -0.08 13.55
C PHE A 184 6.61 -0.85 14.47
N ARG A 185 6.03 -1.88 15.11
CA ARG A 185 6.76 -2.80 15.98
C ARG A 185 6.96 -4.12 15.22
N PRO A 186 8.23 -4.44 14.87
CA PRO A 186 8.38 -5.66 14.06
C PRO A 186 8.07 -6.91 14.84
N GLU A 187 8.32 -6.91 16.15
CA GLU A 187 8.04 -8.10 16.96
C GLU A 187 6.55 -8.45 17.10
N LEU A 188 5.65 -7.56 16.72
CA LEU A 188 4.25 -7.85 16.73
C LEU A 188 3.75 -8.35 15.38
N ALA A 189 4.63 -8.61 14.41
CA ALA A 189 4.21 -9.22 13.14
C ALA A 189 3.62 -10.61 13.39
N ASP A 190 2.68 -11.03 12.55
CA ASP A 190 1.97 -12.29 12.82
C ASP A 190 1.48 -12.89 11.53
N PRO A 191 1.88 -14.14 11.20
CA PRO A 191 1.34 -14.79 10.00
C PRO A 191 -0.17 -14.77 9.92
N SER A 192 -0.88 -14.86 11.05
CA SER A 192 -2.34 -14.83 11.08
C SER A 192 -2.93 -13.51 11.58
N GLY A 193 -2.16 -12.40 11.49
CA GLY A 193 -2.59 -11.15 12.11
C GLY A 193 -3.87 -10.59 11.53
N TRP A 194 -4.13 -10.88 10.26
CA TRP A 194 -5.37 -10.29 9.71
C TRP A 194 -6.60 -10.76 10.46
N ASP A 195 -6.58 -11.97 11.01
CA ASP A 195 -7.74 -12.49 11.69
C ASP A 195 -8.04 -11.77 12.97
N ALA A 196 -7.11 -10.94 13.45
CA ALA A 196 -7.21 -10.25 14.73
C ALA A 196 -7.47 -8.75 14.60
N VAL A 197 -7.64 -8.23 13.38
CA VAL A 197 -7.70 -6.78 13.20
C VAL A 197 -9.04 -6.25 13.70
N ARG A 198 -8.98 -5.17 14.46
CA ARG A 198 -10.16 -4.47 14.98
C ARG A 198 -10.32 -3.18 14.19
N LEU A 199 -11.53 -2.88 13.74
CA LEU A 199 -11.77 -1.67 12.97
C LEU A 199 -12.41 -0.57 13.85
N ASP A 200 -11.99 -0.46 15.10
CA ASP A 200 -12.54 0.56 15.99
C ASP A 200 -11.96 1.96 15.78
N GLY A 213 -13.88 12.86 6.43
CA GLY A 213 -14.75 12.87 5.26
C GLY A 213 -14.00 13.01 3.94
N THR A 214 -12.70 13.28 4.02
CA THR A 214 -11.91 13.54 2.81
C THR A 214 -11.66 12.24 2.03
N THR A 215 -11.81 12.33 0.72
CA THR A 215 -11.48 11.20 -0.15
C THR A 215 -9.98 11.17 -0.48
N PHE A 216 -9.38 9.98 -0.46
CA PHE A 216 -8.00 9.74 -0.74
C PHE A 216 -7.97 8.71 -1.89
N ARG A 217 -7.40 9.07 -3.04
CA ARG A 217 -7.19 8.14 -4.15
C ARG A 217 -5.77 8.25 -4.68
N SER A 218 -5.18 7.11 -5.09
CA SER A 218 -3.83 7.16 -5.61
C SER A 218 -3.48 5.88 -6.35
N ARG A 219 -2.43 5.98 -7.16
CA ARG A 219 -1.80 4.77 -7.68
C ARG A 219 -0.35 5.05 -8.13
N ALA A 220 0.40 3.97 -8.33
CA ALA A 220 1.74 4.12 -8.85
C ALA A 220 1.68 4.32 -10.35
N THR A 221 2.76 4.88 -10.89
CA THR A 221 3.05 5.00 -12.32
C THR A 221 4.35 4.23 -12.56
N ASP A 222 4.81 4.18 -13.81
CA ASP A 222 6.07 3.49 -14.09
C ASP A 222 7.24 4.05 -13.28
N ASN A 223 7.29 5.38 -13.08
CA ASN A 223 8.43 5.97 -12.41
C ASN A 223 8.08 6.81 -11.18
N GLY A 224 6.92 6.59 -10.57
CA GLY A 224 6.56 7.32 -9.37
C GLY A 224 5.16 7.00 -8.92
N LYS A 225 4.40 8.05 -8.60
CA LYS A 225 3.07 7.89 -7.99
C LYS A 225 2.24 9.17 -8.18
N ILE A 226 0.93 8.99 -8.31
CA ILE A 226 -0.02 10.09 -8.38
C ILE A 226 -1.05 9.93 -7.26
N VAL A 227 -1.36 11.05 -6.60
CA VAL A 227 -2.11 11.01 -5.34
C VAL A 227 -3.06 12.22 -5.34
N LEU A 228 -4.33 11.99 -4.96
CA LEU A 228 -5.34 13.04 -4.88
C LEU A 228 -6.01 12.95 -3.52
N ILE A 229 -5.80 13.96 -2.67
N ILE A 229 -5.78 13.96 -2.66
CA ILE A 229 -6.42 13.99 -1.37
CA ILE A 229 -6.42 14.00 -1.35
C ILE A 229 -7.31 15.25 -1.41
C ILE A 229 -7.31 15.25 -1.44
N GLY A 230 -8.63 15.08 -1.39
CA GLY A 230 -9.50 16.23 -1.52
C GLY A 230 -9.19 16.88 -2.86
N ARG A 231 -8.94 18.20 -2.89
CA ARG A 231 -8.52 18.87 -4.12
C ARG A 231 -7.00 18.82 -4.34
N ARG A 232 -6.23 18.28 -3.42
CA ARG A 232 -4.77 18.38 -3.48
C ARG A 232 -4.19 17.28 -4.33
N TYR A 233 -3.62 17.63 -5.49
CA TYR A 233 -3.09 16.67 -6.45
C TYR A 233 -1.56 16.68 -6.37
N PHE A 234 -0.96 15.54 -6.08
CA PHE A 234 0.47 15.36 -5.95
C PHE A 234 0.96 14.36 -7.00
N THR A 235 2.07 14.68 -7.67
CA THR A 235 2.75 13.72 -8.54
C THR A 235 4.22 13.66 -8.20
N VAL A 236 4.80 12.46 -8.26
CA VAL A 236 6.26 12.33 -8.17
C VAL A 236 6.66 11.50 -9.37
N GLU A 237 7.71 11.95 -10.08
CA GLU A 237 8.23 11.33 -11.29
C GLU A 237 9.76 11.35 -11.20
N ASP A 238 10.37 10.17 -11.11
CA ASP A 238 11.83 10.03 -10.90
C ASP A 238 12.31 10.89 -9.73
N GLY A 239 11.51 10.89 -8.67
CA GLY A 239 11.86 11.58 -7.46
C GLY A 239 11.55 13.05 -7.42
N VAL A 240 11.04 13.62 -8.52
CA VAL A 240 10.75 15.05 -8.63
C VAL A 240 9.26 15.28 -8.34
N GLU A 241 8.97 16.04 -7.29
CA GLU A 241 7.61 16.27 -6.87
C GLU A 241 6.98 17.57 -7.36
N ARG A 242 5.68 17.53 -7.59
CA ARG A 242 4.90 18.65 -8.00
C ARG A 242 3.54 18.53 -7.34
N THR A 243 2.97 19.63 -6.87
CA THR A 243 1.64 19.61 -6.30
C THR A 243 0.77 20.74 -6.85
N LYS A 244 -0.54 20.53 -6.88
CA LYS A 244 -1.44 21.54 -7.38
C LYS A 244 -2.82 21.37 -6.74
N VAL A 245 -3.38 22.45 -6.19
CA VAL A 245 -4.70 22.38 -5.59
C VAL A 245 -5.65 22.53 -6.77
N LEU A 246 -6.35 21.47 -7.16
CA LEU A 246 -7.24 21.54 -8.31
C LEU A 246 -8.46 22.46 -8.10
N VAL A 247 -8.72 23.34 -9.06
CA VAL A 247 -9.89 24.22 -9.01
C VAL A 247 -11.01 23.70 -9.90
N LYS A 248 -10.70 23.46 -11.18
CA LYS A 248 -11.75 23.20 -12.16
C LYS A 248 -12.38 21.82 -12.04
N ALA A 249 -13.71 21.76 -12.22
CA ALA A 249 -14.43 20.50 -12.06
C ALA A 249 -13.98 19.48 -13.11
N ASP A 250 -13.73 19.93 -14.33
CA ASP A 250 -13.39 18.95 -15.37
C ASP A 250 -11.95 18.42 -15.22
N GLU A 251 -11.03 19.27 -14.75
CA GLU A 251 -9.68 18.79 -14.46
C GLU A 251 -9.69 17.80 -13.29
N PHE A 252 -10.44 18.12 -12.24
CA PHE A 252 -10.62 17.21 -11.10
C PHE A 252 -11.10 15.83 -11.56
N GLN A 253 -12.12 15.78 -12.42
CA GLN A 253 -12.65 14.50 -12.84
C GLN A 253 -11.67 13.76 -13.74
N ASP A 254 -10.94 14.48 -14.59
CA ASP A 254 -9.89 13.84 -15.39
C ASP A 254 -8.83 13.18 -14.52
N VAL A 255 -8.47 13.81 -13.40
CA VAL A 255 -7.48 13.25 -12.48
C VAL A 255 -8.03 12.02 -11.77
N VAL A 256 -9.28 12.07 -11.28
CA VAL A 256 -9.90 10.89 -10.71
C VAL A 256 -9.90 9.74 -11.71
N ASP A 257 -10.35 10.01 -12.95
CA ASP A 257 -10.39 8.93 -13.94
C ASP A 257 -8.99 8.34 -14.22
N LEU A 258 -7.97 9.19 -14.28
CA LEU A 258 -6.61 8.75 -14.54
C LEU A 258 -6.14 7.82 -13.45
N ILE A 259 -6.38 8.19 -12.21
CA ILE A 259 -5.98 7.32 -11.10
C ILE A 259 -6.75 5.99 -11.12
N LEU A 260 -8.07 6.05 -11.27
CA LEU A 260 -8.88 4.86 -11.10
C LEU A 260 -8.79 3.88 -12.25
N ALA A 261 -8.34 4.34 -13.41
CA ALA A 261 -8.19 3.49 -14.58
C ALA A 261 -6.99 2.55 -14.48
N GLY A 262 -6.06 2.82 -13.57
CA GLY A 262 -4.90 1.99 -13.39
C GLY A 262 -3.91 2.11 -14.53
N ALA A 263 -2.78 1.44 -14.36
CA ALA A 263 -1.77 1.28 -15.41
C ALA A 263 -1.11 -0.11 -15.30
CAA PNY B . -0.83 12.16 3.08
CAB PNY B . 0.35 13.37 4.92
OAC PNY B . -5.30 6.66 5.53
OAD PNY B . -1.44 9.49 3.90
OAE PNY B . 0.11 11.14 2.82
CAF PNY B . -0.83 12.46 4.58
SAG PNY B . -6.43 2.01 5.94
CAH PNY B . -4.90 2.98 6.03
CAI PNY B . -2.15 13.13 4.96
CAJ PNY B . -5.27 4.25 6.76
CAK PNY B . -3.66 8.76 5.48
CAL PNY B . -3.16 7.41 6.02
NAM PNY B . -4.12 5.14 6.74
NAN PNY B . -2.69 9.77 5.82
CAO PNY B . -4.28 6.40 6.06
CAP PNY B . -1.59 10.07 4.93
CAQ PNY B . -0.62 11.17 5.38
OAR PNY B . -0.80 11.39 6.77
HAA PNY B . -1.71 11.86 2.81
HAAA PNY B . -0.59 12.97 2.59
HAB PNY B . 1.18 12.94 4.65
HABA PNY B . 0.26 14.21 4.46
HABB PNY B . 0.37 13.52 5.88
HOAE PNY B . 0.75 11.47 2.35
HSAG PNY B . -7.30 2.69 5.48
HAH PNY B . -4.23 2.49 6.53
HAHA PNY B . -4.56 3.17 5.14
HAI PNY B . -2.84 12.89 4.32
HAIA PNY B . -2.41 12.85 5.84
HAIB PNY B . -2.03 14.09 4.96
HAJ PNY B . -5.51 4.05 7.67
HAJA PNY B . -6.01 4.68 6.30
HAK PNY B . -3.75 8.71 4.52
HAKA PNY B . -4.51 8.98 5.88
HAL PNY B . -2.81 7.53 6.92
HALA PNY B . -2.44 7.08 5.46
HNAM PNY B . -3.38 4.92 7.12
HNAN PNY B . -2.78 10.22 6.56
HAQ PNY B . 0.29 10.88 5.22
HOAR PNY B . -1.62 11.52 6.97
C ACT C . 0.75 6.52 -16.23
O ACT C . -0.19 7.35 -16.14
OXT ACT C . 0.92 5.60 -15.35
CH3 ACT C . 1.67 6.63 -17.45
H1 ACT C . 1.31 5.97 -18.24
H2 ACT C . 2.67 6.35 -17.17
H3 ACT C . 1.67 7.65 -17.82
C ACT D . -16.90 2.48 -5.97
O ACT D . -16.81 1.97 -4.83
OXT ACT D . -16.07 2.18 -6.88
CH3 ACT D . -18.05 3.45 -6.28
H1 ACT D . -18.93 2.89 -6.55
H2 ACT D . -17.76 4.10 -7.10
H3 ACT D . -18.25 4.05 -5.40
C ACT E . 0.58 18.69 -10.83
O ACT E . -0.33 18.64 -11.71
OXT ACT E . 1.57 19.45 -11.01
CH3 ACT E . 0.50 17.82 -9.58
H1 ACT E . 1.49 17.58 -9.24
H2 ACT E . -0.05 16.92 -9.81
H3 ACT E . -0.03 18.37 -8.81
#